data_2X0I
#
_entry.id   2X0I
#
_cell.length_a   112.964
_cell.length_b   112.964
_cell.length_c   71.294
_cell.angle_alpha   90.00
_cell.angle_beta   90.00
_cell.angle_gamma   90.00
#
_symmetry.space_group_name_H-M   'P 41 21 2'
#
loop_
_entity.id
_entity.type
_entity.pdbx_description
1 polymer 'MALATE DEHYDROGENASE'
2 non-polymer '1,4-DIHYDRONICOTINAMIDE ADENINE DINUCLEOTIDE'
3 non-polymer 'SULFATE ION'
4 non-polymer 'SODIUM ION'
5 water water
#
_entity_poly.entity_id   1
_entity_poly.type   'polypeptide(L)'
_entity_poly.pdbx_seq_one_letter_code
;MKLGFVGAGRVGSTSAFTCLLNLDVDEIALVDIAEDLAVGEAMDLAHAAAGIDKYPKIVGGADYSLLKGSEIIVVTAGLA
RKPGMTRLDLAHKNAGIIKDIAKKIVENAPESKILVVTNPMDVMTYIMWKESGKPRNEVFGMGNQLDSQRLKERLYNAGA
RNIRRAWIIGEHGDSMFVAKSLADFDGEVDWEAVENDVRFVAAEVIKRKGATIFGPAVAIYRMVKAVVEDTGEIIPTSMI
LQGEYGIENVAVGVPAKLGKNGAEVADIKLSDEEIEKLRNSAKILRERLEELGY
;
_entity_poly.pdbx_strand_id   A
#
loop_
_chem_comp.id
_chem_comp.type
_chem_comp.name
_chem_comp.formula
NA non-polymer 'SODIUM ION' 'Na 1'
NAI non-polymer '1,4-DIHYDRONICOTINAMIDE ADENINE DINUCLEOTIDE' 'C21 H29 N7 O14 P2'
SO4 non-polymer 'SULFATE ION' 'O4 S -2'
#
# COMPACT_ATOMS: atom_id res chain seq x y z
N MET A 1 -5.72 -8.37 -18.62
CA MET A 1 -5.49 -7.82 -17.28
C MET A 1 -6.18 -8.66 -16.20
N LYS A 2 -5.37 -9.35 -15.40
CA LYS A 2 -5.89 -10.11 -14.27
C LYS A 2 -5.40 -9.41 -13.02
N LEU A 3 -6.29 -9.20 -12.05
CA LEU A 3 -5.86 -8.70 -10.75
C LEU A 3 -5.94 -9.81 -9.70
N GLY A 4 -4.91 -9.91 -8.87
CA GLY A 4 -4.89 -10.90 -7.81
C GLY A 4 -4.97 -10.24 -6.45
N PHE A 5 -5.64 -10.89 -5.53
CA PHE A 5 -5.85 -10.32 -4.20
C PHE A 5 -5.63 -11.39 -3.13
N VAL A 6 -4.56 -11.25 -2.36
CA VAL A 6 -4.33 -12.17 -1.26
C VAL A 6 -4.85 -11.49 -0.02
N GLY A 7 -5.92 -12.04 0.52
CA GLY A 7 -6.69 -11.37 1.54
C GLY A 7 -7.97 -10.76 0.99
N ALA A 8 -9.11 -11.35 1.35
CA ALA A 8 -10.42 -10.88 0.92
C ALA A 8 -11.16 -10.27 2.09
N GLY A 9 -10.39 -9.68 3.01
CA GLY A 9 -10.98 -9.01 4.16
C GLY A 9 -11.59 -7.69 3.73
N ARG A 10 -11.73 -6.78 4.68
CA ARG A 10 -12.40 -5.52 4.39
C ARG A 10 -11.66 -4.73 3.31
N VAL A 11 -10.33 -4.66 3.43
CA VAL A 11 -9.55 -3.86 2.50
C VAL A 11 -9.30 -4.57 1.17
N GLY A 12 -8.98 -5.86 1.23
CA GLY A 12 -8.82 -6.64 0.01
C GLY A 12 -10.06 -6.55 -0.86
N SER A 13 -11.21 -6.87 -0.28
CA SER A 13 -12.44 -6.91 -1.06
C SER A 13 -12.89 -5.51 -1.55
N THR A 14 -12.78 -4.49 -0.70
CA THR A 14 -13.15 -3.15 -1.15
C THR A 14 -12.16 -2.58 -2.18
N SER A 15 -10.89 -2.97 -2.05
CA SER A 15 -9.91 -2.62 -3.05
C SER A 15 -10.36 -3.21 -4.38
N ALA A 16 -10.62 -4.51 -4.38
CA ALA A 16 -10.99 -5.18 -5.61
C ALA A 16 -12.24 -4.55 -6.22
N PHE A 17 -13.21 -4.24 -5.37
CA PHE A 17 -14.44 -3.57 -5.81
C PHE A 17 -14.03 -2.28 -6.55
N THR A 18 -13.23 -1.46 -5.88
CA THR A 18 -12.88 -0.15 -6.43
C THR A 18 -12.27 -0.32 -7.82
N CYS A 19 -11.36 -1.28 -7.94
CA CYS A 19 -10.72 -1.56 -9.21
C CYS A 19 -11.73 -1.96 -10.28
N LEU A 20 -12.69 -2.79 -9.87
CA LEU A 20 -13.70 -3.27 -10.77
C LEU A 20 -14.53 -2.11 -11.31
N LEU A 21 -14.69 -1.09 -10.48
CA LEU A 21 -15.53 0.06 -10.79
C LEU A 21 -14.88 1.00 -11.79
N ASN A 22 -13.56 0.94 -11.90
CA ASN A 22 -12.82 1.94 -12.67
C ASN A 22 -11.79 1.39 -13.63
N LEU A 23 -11.55 0.08 -13.63
CA LEU A 23 -10.58 -0.49 -14.56
C LEU A 23 -11.17 -1.50 -15.53
N ASP A 24 -10.59 -1.60 -16.72
CA ASP A 24 -11.02 -2.60 -17.69
C ASP A 24 -10.38 -3.93 -17.37
N VAL A 25 -10.93 -4.64 -16.38
CA VAL A 25 -10.37 -5.90 -15.91
C VAL A 25 -11.07 -7.14 -16.49
N ASP A 26 -10.27 -8.13 -16.89
CA ASP A 26 -10.80 -9.35 -17.49
C ASP A 26 -11.03 -10.42 -16.44
N GLU A 27 -10.08 -10.53 -15.50
CA GLU A 27 -10.20 -11.48 -14.40
C GLU A 27 -9.79 -10.85 -13.06
N ILE A 28 -10.50 -11.22 -11.99
CA ILE A 28 -10.14 -10.85 -10.62
C ILE A 28 -10.09 -12.12 -9.80
N ALA A 29 -9.03 -12.32 -9.01
CA ALA A 29 -8.93 -13.50 -8.16
C ALA A 29 -8.75 -13.13 -6.68
N LEU A 30 -9.43 -13.86 -5.81
CA LEU A 30 -9.40 -13.58 -4.39
C LEU A 30 -9.05 -14.84 -3.60
N VAL A 31 -7.85 -14.84 -3.04
CA VAL A 31 -7.35 -15.94 -2.21
C VAL A 31 -7.42 -15.53 -0.74
N ASP A 32 -7.81 -16.46 0.13
CA ASP A 32 -7.93 -16.16 1.57
C ASP A 32 -8.08 -17.46 2.38
N ILE A 33 -7.48 -17.56 3.57
CA ILE A 33 -7.61 -18.84 4.30
C ILE A 33 -9.04 -19.10 4.63
N ALA A 34 -9.81 -18.02 4.75
CA ALA A 34 -11.23 -18.14 4.94
C ALA A 34 -11.84 -18.42 3.57
N GLU A 35 -11.93 -19.70 3.23
CA GLU A 35 -12.35 -20.10 1.90
C GLU A 35 -13.72 -19.55 1.55
N ASP A 36 -14.73 -19.85 2.36
CA ASP A 36 -16.07 -19.39 2.00
C ASP A 36 -16.16 -17.88 1.89
N LEU A 37 -15.52 -17.17 2.82
CA LEU A 37 -15.47 -15.71 2.75
C LEU A 37 -14.99 -15.20 1.39
N ALA A 38 -13.95 -15.83 0.86
CA ALA A 38 -13.41 -15.45 -0.43
C ALA A 38 -14.39 -15.72 -1.56
N VAL A 39 -15.14 -16.82 -1.46
CA VAL A 39 -16.10 -17.15 -2.52
C VAL A 39 -17.25 -16.14 -2.54
N GLY A 40 -17.75 -15.83 -1.35
CA GLY A 40 -18.85 -14.91 -1.20
C GLY A 40 -18.48 -13.51 -1.65
N GLU A 41 -17.24 -13.11 -1.41
CA GLU A 41 -16.79 -11.82 -1.89
C GLU A 41 -16.84 -11.85 -3.39
N ALA A 42 -16.40 -12.97 -3.97
CA ALA A 42 -16.33 -13.10 -5.41
C ALA A 42 -17.73 -12.97 -5.99
N MET A 43 -18.66 -13.75 -5.44
CA MET A 43 -20.05 -13.70 -5.87
C MET A 43 -20.60 -12.27 -5.83
N ASP A 44 -20.43 -11.62 -4.69
CA ASP A 44 -20.93 -10.26 -4.51
C ASP A 44 -20.28 -9.25 -5.50
N LEU A 45 -18.99 -9.40 -5.76
CA LEU A 45 -18.34 -8.51 -6.70
C LEU A 45 -18.92 -8.72 -8.09
N ALA A 46 -19.27 -9.97 -8.39
CA ALA A 46 -19.79 -10.25 -9.73
C ALA A 46 -21.15 -9.59 -9.90
N HIS A 47 -22.01 -9.75 -8.90
CA HIS A 47 -23.30 -9.07 -8.95
C HIS A 47 -23.07 -7.57 -9.11
N ALA A 48 -22.13 -7.02 -8.34
CA ALA A 48 -21.82 -5.61 -8.50
C ALA A 48 -21.45 -5.39 -9.96
N ALA A 49 -20.51 -6.17 -10.46
CA ALA A 49 -19.99 -5.97 -11.81
C ALA A 49 -21.09 -5.85 -12.86
N ALA A 50 -22.06 -6.75 -12.80
CA ALA A 50 -23.12 -6.82 -13.81
C ALA A 50 -23.92 -5.52 -13.93
N GLY A 51 -23.95 -4.72 -12.85
CA GLY A 51 -24.66 -3.46 -12.86
C GLY A 51 -23.95 -2.27 -13.52
N ILE A 52 -22.73 -2.46 -13.98
CA ILE A 52 -22.09 -1.44 -14.81
C ILE A 52 -21.70 -2.08 -16.12
N ASP A 53 -22.45 -3.12 -16.46
CA ASP A 53 -22.29 -3.85 -17.71
C ASP A 53 -20.88 -4.36 -17.97
N LYS A 54 -20.12 -4.57 -16.90
CA LYS A 54 -18.86 -5.32 -16.95
C LYS A 54 -19.13 -6.78 -16.58
N TYR A 55 -18.43 -7.69 -17.25
CA TYR A 55 -18.65 -9.13 -17.04
C TYR A 55 -17.34 -9.92 -17.02
N PRO A 56 -16.40 -9.53 -16.14
CA PRO A 56 -15.11 -10.22 -16.04
C PRO A 56 -15.20 -11.54 -15.28
N LYS A 57 -14.17 -12.36 -15.35
CA LYS A 57 -14.10 -13.59 -14.57
C LYS A 57 -13.68 -13.31 -13.13
N ILE A 58 -14.56 -13.58 -12.19
CA ILE A 58 -14.25 -13.40 -10.77
C ILE A 58 -14.33 -14.74 -10.04
N VAL A 59 -13.17 -15.24 -9.67
CA VAL A 59 -13.07 -16.51 -8.97
C VAL A 59 -12.58 -16.25 -7.56
N GLY A 60 -13.05 -17.04 -6.60
CA GLY A 60 -12.60 -16.91 -5.23
C GLY A 60 -12.39 -18.23 -4.50
N GLY A 61 -11.32 -18.32 -3.70
CA GLY A 61 -11.08 -19.53 -2.93
C GLY A 61 -9.89 -19.46 -1.99
N ALA A 62 -9.23 -20.59 -1.78
CA ALA A 62 -8.06 -20.65 -0.91
C ALA A 62 -6.77 -21.16 -1.57
N ASP A 63 -6.87 -21.71 -2.77
CA ASP A 63 -5.69 -22.21 -3.50
C ASP A 63 -4.99 -21.10 -4.25
N TYR A 64 -3.70 -20.96 -3.99
CA TYR A 64 -2.93 -19.90 -4.58
C TYR A 64 -2.85 -20.01 -6.10
N SER A 65 -3.17 -21.18 -6.64
CA SER A 65 -3.31 -21.36 -8.09
C SER A 65 -4.12 -20.24 -8.77
N LEU A 66 -5.20 -19.82 -8.12
CA LEU A 66 -6.07 -18.76 -8.66
C LEU A 66 -5.28 -17.53 -9.12
N LEU A 67 -4.07 -17.38 -8.60
CA LEU A 67 -3.28 -16.19 -8.87
C LEU A 67 -2.55 -16.26 -10.22
N LYS A 68 -2.32 -17.47 -10.71
CA LYS A 68 -1.62 -17.64 -11.98
C LYS A 68 -2.14 -16.61 -12.95
N GLY A 69 -1.25 -15.86 -13.57
CA GLY A 69 -1.62 -14.91 -14.60
C GLY A 69 -1.64 -13.45 -14.16
N SER A 70 -1.72 -13.21 -12.86
CA SER A 70 -1.91 -11.86 -12.36
C SER A 70 -0.80 -10.91 -12.80
N GLU A 71 -1.19 -9.75 -13.30
CA GLU A 71 -0.23 -8.72 -13.65
C GLU A 71 0.30 -8.10 -12.37
N ILE A 72 -0.57 -8.07 -11.36
CA ILE A 72 -0.23 -7.51 -10.06
C ILE A 72 -1.13 -8.12 -8.98
N ILE A 73 -0.61 -8.21 -7.76
CA ILE A 73 -1.34 -8.82 -6.67
C ILE A 73 -1.35 -7.93 -5.45
N VAL A 74 -2.54 -7.56 -4.97
CA VAL A 74 -2.63 -6.78 -3.74
C VAL A 74 -2.74 -7.70 -2.51
N VAL A 75 -1.71 -7.65 -1.67
CA VAL A 75 -1.62 -8.47 -0.46
C VAL A 75 -2.04 -7.69 0.78
N THR A 76 -3.23 -8.01 1.30
CA THR A 76 -3.77 -7.35 2.50
C THR A 76 -3.96 -8.37 3.61
N ALA A 77 -3.52 -9.58 3.33
CA ALA A 77 -3.72 -10.71 4.24
C ALA A 77 -2.95 -10.56 5.55
N GLY A 78 -3.55 -11.02 6.65
CA GLY A 78 -2.91 -10.99 7.96
C GLY A 78 -3.90 -10.72 9.09
N LEU A 79 -3.47 -9.90 10.04
CA LEU A 79 -4.35 -9.46 11.12
C LEU A 79 -4.09 -7.99 11.39
N ALA A 80 -5.14 -7.22 11.61
CA ALA A 80 -4.99 -5.98 12.35
C ALA A 80 -5.23 -6.37 13.80
N ARG A 81 -4.89 -5.49 14.74
CA ARG A 81 -4.99 -5.85 16.15
C ARG A 81 -5.36 -4.66 17.00
N LYS A 82 -5.64 -4.94 18.27
CA LYS A 82 -5.97 -3.96 19.31
C LYS A 82 -6.20 -4.71 20.65
N PRO A 83 -7.47 -4.80 21.13
CA PRO A 83 -7.70 -5.20 22.52
C PRO A 83 -6.45 -5.35 23.40
N GLY A 84 -5.83 -4.21 23.72
CA GLY A 84 -4.57 -4.19 24.44
C GLY A 84 -3.48 -4.80 23.57
N MET A 85 -3.56 -6.11 23.37
CA MET A 85 -2.54 -6.94 22.68
C MET A 85 -1.48 -6.29 21.76
N THR A 86 -0.22 -6.61 22.06
CA THR A 86 1.00 -5.89 21.66
C THR A 86 1.23 -5.62 20.16
N ARG A 87 1.89 -4.50 19.87
CA ARG A 87 2.35 -4.18 18.51
C ARG A 87 3.23 -5.31 17.96
N LEU A 88 4.41 -5.46 18.57
CA LEU A 88 5.42 -6.47 18.20
C LEU A 88 4.86 -7.88 18.05
N ASP A 89 3.86 -8.22 18.86
CA ASP A 89 3.23 -9.52 18.77
C ASP A 89 2.65 -9.74 17.36
N LEU A 90 1.91 -8.76 16.85
CA LEU A 90 1.36 -8.88 15.50
C LEU A 90 2.47 -8.86 14.46
N ALA A 91 3.48 -8.02 14.69
CA ALA A 91 4.61 -7.93 13.75
C ALA A 91 5.19 -9.31 13.50
N HIS A 92 5.50 -10.03 14.58
CA HIS A 92 5.91 -11.43 14.45
C HIS A 92 4.88 -12.27 13.70
N LYS A 93 3.64 -12.27 14.18
CA LYS A 93 2.59 -13.08 13.57
C LYS A 93 2.43 -12.80 12.09
N ASN A 94 2.27 -11.53 11.73
CA ASN A 94 2.12 -11.18 10.33
C ASN A 94 3.38 -11.47 9.53
N ALA A 95 4.54 -11.26 10.14
CA ALA A 95 5.78 -11.51 9.43
C ALA A 95 5.81 -12.97 9.04
N GLY A 96 5.23 -13.80 9.89
CA GLY A 96 5.17 -15.21 9.61
C GLY A 96 4.30 -15.47 8.39
N ILE A 97 3.15 -14.81 8.36
CA ILE A 97 2.22 -14.96 7.24
C ILE A 97 2.77 -14.34 5.94
N ILE A 98 3.41 -13.17 6.03
CA ILE A 98 3.98 -12.56 4.84
C ILE A 98 5.08 -13.42 4.18
N LYS A 99 6.06 -13.87 4.96
CA LYS A 99 7.09 -14.78 4.46
C LYS A 99 6.42 -15.94 3.72
N ASP A 100 5.38 -16.47 4.34
CA ASP A 100 4.68 -17.65 3.86
C ASP A 100 3.95 -17.36 2.53
N ILE A 101 3.48 -16.14 2.38
CA ILE A 101 2.74 -15.77 1.17
C ILE A 101 3.69 -15.62 0.01
N ALA A 102 4.76 -14.87 0.22
CA ALA A 102 5.76 -14.65 -0.82
C ALA A 102 6.13 -15.98 -1.48
N LYS A 103 6.43 -16.98 -0.67
CA LYS A 103 6.74 -18.29 -1.24
C LYS A 103 5.63 -18.78 -2.17
N LYS A 104 4.38 -18.67 -1.73
CA LYS A 104 3.27 -19.13 -2.56
C LYS A 104 3.06 -18.29 -3.83
N ILE A 105 3.24 -16.99 -3.71
CA ILE A 105 3.07 -16.08 -4.84
C ILE A 105 4.12 -16.37 -5.91
N VAL A 106 5.27 -16.88 -5.48
CA VAL A 106 6.38 -17.14 -6.40
C VAL A 106 6.22 -18.48 -7.13
N GLU A 107 5.73 -19.49 -6.44
CA GLU A 107 5.52 -20.77 -7.10
C GLU A 107 4.12 -20.87 -7.69
N ASN A 108 3.59 -19.76 -8.18
CA ASN A 108 2.27 -19.78 -8.77
C ASN A 108 2.15 -18.70 -9.81
N ALA A 109 2.56 -17.50 -9.43
CA ALA A 109 2.49 -16.35 -10.29
C ALA A 109 3.84 -15.66 -10.23
N PRO A 110 4.88 -16.33 -10.74
CA PRO A 110 6.28 -15.88 -10.68
C PRO A 110 6.46 -14.43 -11.11
N GLU A 111 5.78 -14.02 -12.18
CA GLU A 111 6.07 -12.72 -12.79
C GLU A 111 5.19 -11.55 -12.34
N SER A 112 4.47 -11.73 -11.25
CA SER A 112 3.53 -10.71 -10.80
C SER A 112 4.18 -9.64 -9.98
N LYS A 113 3.80 -8.39 -10.21
CA LYS A 113 4.15 -7.32 -9.29
C LYS A 113 3.40 -7.58 -8.01
N ILE A 114 4.01 -7.27 -6.87
CA ILE A 114 3.36 -7.47 -5.58
C ILE A 114 3.21 -6.17 -4.81
N LEU A 115 1.95 -5.82 -4.49
CA LEU A 115 1.64 -4.65 -3.69
C LEU A 115 1.35 -5.06 -2.24
N VAL A 116 2.22 -4.67 -1.32
CA VAL A 116 2.06 -5.01 0.08
C VAL A 116 1.25 -3.93 0.79
N VAL A 117 0.25 -4.36 1.57
CA VAL A 117 -0.63 -3.44 2.29
C VAL A 117 -0.69 -3.76 3.77
N THR A 118 -0.62 -5.04 4.11
CA THR A 118 -0.63 -5.54 5.48
C THR A 118 0.28 -4.76 6.40
N ASN A 119 -0.22 -4.36 7.57
CA ASN A 119 0.55 -3.52 8.48
C ASN A 119 1.44 -4.33 9.44
N PRO A 120 2.62 -3.81 9.81
CA PRO A 120 3.28 -2.54 9.48
C PRO A 120 3.85 -2.55 8.05
N MET A 121 3.14 -1.90 7.14
CA MET A 121 3.44 -2.01 5.72
C MET A 121 4.94 -1.90 5.34
N ASP A 122 5.61 -0.82 5.69
CA ASP A 122 7.03 -0.69 5.36
C ASP A 122 7.83 -1.95 5.76
N VAL A 123 7.45 -2.55 6.88
CA VAL A 123 8.17 -3.71 7.36
C VAL A 123 7.79 -4.94 6.57
N MET A 124 6.50 -5.11 6.29
CA MET A 124 6.08 -6.29 5.55
C MET A 124 6.54 -6.20 4.10
N THR A 125 6.55 -5.00 3.54
CA THR A 125 7.06 -4.78 2.20
C THR A 125 8.47 -5.30 2.08
N TYR A 126 9.32 -4.96 3.06
CA TYR A 126 10.71 -5.42 3.02
C TYR A 126 10.77 -6.95 3.11
N ILE A 127 10.02 -7.50 4.05
CA ILE A 127 10.08 -8.94 4.28
C ILE A 127 9.59 -9.68 3.05
N MET A 128 8.64 -9.07 2.35
CA MET A 128 8.13 -9.68 1.13
C MET A 128 9.24 -9.76 0.07
N TRP A 129 9.87 -8.62 -0.20
CA TRP A 129 10.94 -8.57 -1.20
C TRP A 129 12.06 -9.52 -0.85
N LYS A 130 12.37 -9.64 0.43
CA LYS A 130 13.47 -10.50 0.87
C LYS A 130 13.13 -11.98 0.65
N GLU A 131 11.93 -12.40 1.04
CA GLU A 131 11.54 -13.81 0.99
C GLU A 131 11.17 -14.33 -0.41
N SER A 132 10.87 -13.43 -1.33
CA SER A 132 10.69 -13.79 -2.74
C SER A 132 11.95 -13.43 -3.50
N GLY A 133 12.38 -14.25 -4.44
CA GLY A 133 13.61 -13.93 -5.14
C GLY A 133 13.65 -12.54 -5.76
N LYS A 134 12.50 -11.88 -5.80
CA LYS A 134 12.24 -10.76 -6.72
C LYS A 134 13.12 -9.52 -6.59
N PRO A 135 13.35 -8.81 -7.72
CA PRO A 135 14.03 -7.52 -7.85
C PRO A 135 13.26 -6.44 -7.09
N ARG A 136 13.96 -5.42 -6.60
CA ARG A 136 13.30 -4.43 -5.77
C ARG A 136 12.26 -3.60 -6.50
N ASN A 137 12.06 -3.88 -7.79
CA ASN A 137 11.12 -3.09 -8.59
C ASN A 137 9.76 -3.77 -8.78
N GLU A 138 9.69 -5.03 -8.39
CA GLU A 138 8.46 -5.80 -8.50
C GLU A 138 7.77 -5.99 -7.15
N VAL A 139 8.35 -5.43 -6.09
CA VAL A 139 7.72 -5.47 -4.77
C VAL A 139 7.77 -4.10 -4.09
N PHE A 140 6.61 -3.60 -3.68
CA PHE A 140 6.56 -2.31 -3.00
C PHE A 140 5.27 -2.20 -2.20
N GLY A 141 5.11 -1.10 -1.48
CA GLY A 141 3.99 -1.01 -0.55
C GLY A 141 3.15 0.23 -0.63
N MET A 142 1.85 0.07 -0.41
CA MET A 142 0.94 1.19 -0.31
C MET A 142 0.87 1.71 1.12
N GLY A 143 1.10 3.00 1.28
CA GLY A 143 0.97 3.66 2.56
C GLY A 143 1.00 5.16 2.35
N ASN A 144 2.16 5.67 1.95
CA ASN A 144 2.31 7.10 1.80
C ASN A 144 1.23 7.78 0.97
N GLN A 145 0.88 7.19 -0.17
CA GLN A 145 -0.28 7.61 -0.95
C GLN A 145 -1.47 7.89 -0.05
N LEU A 146 -1.89 6.88 0.71
CA LEU A 146 -3.01 7.06 1.62
C LEU A 146 -2.75 8.21 2.60
N ASP A 147 -1.54 8.27 3.15
CA ASP A 147 -1.21 9.36 4.06
C ASP A 147 -1.39 10.69 3.36
N SER A 148 -0.97 10.74 2.11
CA SER A 148 -1.02 11.97 1.34
C SER A 148 -2.46 12.36 1.03
N GLN A 149 -3.30 11.36 0.78
CA GLN A 149 -4.72 11.62 0.54
C GLN A 149 -5.28 12.33 1.76
N ARG A 150 -4.98 11.81 2.93
CA ARG A 150 -5.41 12.47 4.15
C ARG A 150 -4.87 13.91 4.17
N LEU A 151 -3.59 14.07 3.88
CA LEU A 151 -2.97 15.38 3.83
C LEU A 151 -3.77 16.31 2.91
N LYS A 152 -4.02 15.86 1.68
CA LYS A 152 -4.69 16.72 0.72
C LYS A 152 -6.02 17.18 1.28
N GLU A 153 -6.68 16.33 2.06
CA GLU A 153 -7.93 16.75 2.70
C GLU A 153 -7.73 17.87 3.73
N ARG A 154 -6.91 17.63 4.76
CA ARG A 154 -6.69 18.63 5.82
C ARG A 154 -6.25 19.98 5.26
N LEU A 155 -5.64 19.94 4.10
CA LEU A 155 -5.24 21.17 3.44
C LEU A 155 -6.46 21.89 2.88
N TYR A 156 -7.27 21.20 2.07
CA TYR A 156 -8.45 21.83 1.49
C TYR A 156 -9.35 22.36 2.61
N ASN A 157 -9.33 21.65 3.73
CA ASN A 157 -10.02 22.11 4.92
C ASN A 157 -9.46 23.43 5.40
N ALA A 158 -8.14 23.52 5.50
CA ALA A 158 -7.48 24.71 6.02
C ALA A 158 -7.42 25.87 5.01
N GLY A 159 -8.13 25.74 3.89
CA GLY A 159 -8.28 26.83 2.95
C GLY A 159 -7.66 26.56 1.58
N ALA A 160 -6.51 25.89 1.61
CA ALA A 160 -5.75 25.58 0.41
C ALA A 160 -6.67 25.31 -0.76
N ARG A 161 -6.22 25.69 -1.94
CA ARG A 161 -7.01 25.47 -3.13
C ARG A 161 -6.05 25.19 -4.26
N ASN A 162 -6.55 24.61 -5.34
CA ASN A 162 -5.69 24.25 -6.46
C ASN A 162 -4.42 23.52 -6.01
N ILE A 163 -4.62 22.56 -5.11
CA ILE A 163 -3.58 21.64 -4.64
C ILE A 163 -3.06 20.79 -5.80
N ARG A 164 -1.96 21.22 -6.42
CA ARG A 164 -1.40 20.50 -7.58
C ARG A 164 -0.56 19.31 -7.11
N ARG A 165 0.21 19.52 -6.04
CA ARG A 165 0.95 18.42 -5.42
C ARG A 165 0.99 18.59 -3.91
N ALA A 166 1.01 17.48 -3.19
CA ALA A 166 1.10 17.49 -1.73
C ALA A 166 1.36 16.07 -1.23
N TRP A 167 2.58 15.75 -0.81
CA TRP A 167 2.87 14.37 -0.40
C TRP A 167 3.34 14.19 1.04
N ILE A 168 3.14 12.99 1.55
CA ILE A 168 3.77 12.59 2.79
C ILE A 168 4.70 11.42 2.47
N ILE A 169 5.89 11.45 3.03
CA ILE A 169 6.86 10.40 2.76
C ILE A 169 7.43 9.89 4.09
N GLY A 170 8.37 8.97 4.00
CA GLY A 170 8.95 8.37 5.18
C GLY A 170 8.16 7.15 5.63
N GLU A 171 8.28 6.82 6.91
CA GLU A 171 7.55 5.69 7.45
C GLU A 171 6.05 5.92 7.31
N HIS A 172 5.30 4.88 6.97
CA HIS A 172 3.86 4.90 7.10
C HIS A 172 3.57 4.61 8.56
N GLY A 173 3.61 5.66 9.36
CA GLY A 173 3.41 5.52 10.79
C GLY A 173 3.90 6.77 11.48
N ASP A 174 4.39 6.61 12.70
CA ASP A 174 4.71 7.76 13.55
C ASP A 174 5.78 8.70 12.98
N SER A 175 6.81 8.15 12.35
CA SER A 175 7.96 8.99 11.96
C SER A 175 7.79 9.58 10.58
N MET A 176 6.54 9.59 10.10
CA MET A 176 6.21 10.18 8.81
C MET A 176 6.35 11.69 8.90
N PHE A 177 6.44 12.34 7.74
CA PHE A 177 6.59 13.77 7.68
C PHE A 177 6.14 14.29 6.33
N VAL A 178 5.70 15.54 6.33
CA VAL A 178 5.32 16.22 5.10
C VAL A 178 6.55 16.70 4.37
N ALA A 179 6.57 16.52 3.04
CA ALA A 179 7.67 16.98 2.21
C ALA A 179 7.42 18.42 1.72
N LYS A 180 7.39 19.37 2.66
CA LYS A 180 7.06 20.77 2.39
C LYS A 180 7.70 21.31 1.11
N SER A 181 8.92 20.88 0.85
CA SER A 181 9.68 21.39 -0.29
C SER A 181 8.96 21.16 -1.63
N LEU A 182 7.98 20.27 -1.64
CA LEU A 182 7.30 19.95 -2.89
C LEU A 182 5.83 20.36 -2.93
N ALA A 183 5.33 20.90 -1.81
CA ALA A 183 3.95 21.35 -1.76
C ALA A 183 3.71 22.43 -2.81
N ASP A 184 2.57 22.33 -3.48
CA ASP A 184 2.23 23.28 -4.52
C ASP A 184 0.74 23.58 -4.42
N PHE A 185 0.40 24.77 -3.93
CA PHE A 185 -1.00 25.16 -3.78
C PHE A 185 -1.25 26.60 -3.32
N ASP A 186 -2.32 27.21 -3.83
CA ASP A 186 -2.70 28.58 -3.49
C ASP A 186 -3.33 28.65 -2.10
N GLY A 187 -3.00 29.70 -1.36
CA GLY A 187 -3.56 29.90 -0.02
C GLY A 187 -2.60 29.56 1.10
N GLU A 188 -2.52 30.45 2.09
CA GLU A 188 -1.68 30.24 3.27
C GLU A 188 -2.35 29.26 4.22
N VAL A 189 -1.57 28.31 4.73
CA VAL A 189 -2.08 27.36 5.71
C VAL A 189 -1.14 27.24 6.90
N ASP A 190 -1.60 26.58 7.96
CA ASP A 190 -0.78 26.40 9.13
C ASP A 190 -0.15 25.01 9.11
N TRP A 191 1.09 24.93 8.63
CA TRP A 191 1.81 23.66 8.58
C TRP A 191 1.89 22.96 9.95
N GLU A 192 1.82 23.75 11.01
CA GLU A 192 1.82 23.17 12.33
C GLU A 192 0.59 22.30 12.43
N ALA A 193 -0.58 22.92 12.44
CA ALA A 193 -1.85 22.21 12.60
C ALA A 193 -1.95 20.99 11.68
N VAL A 194 -1.70 21.20 10.39
CA VAL A 194 -1.88 20.16 9.39
C VAL A 194 -1.01 18.92 9.64
N GLU A 195 0.31 19.11 9.72
CA GLU A 195 1.24 18.00 9.97
C GLU A 195 0.75 17.12 11.10
N ASN A 196 0.08 17.76 12.06
CA ASN A 196 -0.31 17.12 13.30
C ASN A 196 -1.53 16.22 13.13
N ASP A 197 -2.63 16.82 12.67
CA ASP A 197 -3.87 16.10 12.43
C ASP A 197 -3.61 14.77 11.73
N VAL A 198 -3.03 14.85 10.54
CA VAL A 198 -2.73 13.67 9.74
C VAL A 198 -2.24 12.41 10.47
N ARG A 199 -1.25 12.53 11.36
CA ARG A 199 -0.63 11.35 11.97
C ARG A 199 -1.59 10.55 12.84
N PHE A 200 -2.52 11.27 13.45
CA PHE A 200 -3.45 10.65 14.39
C PHE A 200 -4.86 10.52 13.81
N VAL A 201 -5.02 10.85 12.54
CA VAL A 201 -6.32 10.68 11.89
C VAL A 201 -6.60 9.20 11.73
N ALA A 202 -5.58 8.46 11.33
CA ALA A 202 -5.67 7.01 11.16
C ALA A 202 -6.49 6.34 12.27
N ALA A 203 -6.16 6.61 13.53
CA ALA A 203 -6.85 5.94 14.61
C ALA A 203 -8.09 6.70 15.07
N GLU A 204 -8.16 7.99 14.75
CA GLU A 204 -9.34 8.76 15.11
C GLU A 204 -10.49 8.09 14.40
N VAL A 205 -10.23 7.60 13.18
CA VAL A 205 -11.23 6.93 12.36
C VAL A 205 -11.47 5.51 12.87
N ILE A 206 -10.40 4.78 13.14
CA ILE A 206 -10.50 3.41 13.62
C ILE A 206 -11.36 3.23 14.89
N LYS A 207 -11.26 4.19 15.82
CA LYS A 207 -12.02 4.12 17.05
C LYS A 207 -13.50 4.35 16.80
N ARG A 208 -13.82 5.10 15.73
CA ARG A 208 -15.22 5.43 15.42
C ARG A 208 -15.84 4.41 14.47
N LYS A 209 -15.23 4.29 13.32
CA LYS A 209 -15.74 3.47 12.23
C LYS A 209 -15.44 1.98 12.46
N GLY A 210 -14.41 1.70 13.25
CA GLY A 210 -13.96 0.33 13.47
C GLY A 210 -12.66 -0.04 12.76
N ALA A 211 -12.46 0.52 11.58
CA ALA A 211 -11.28 0.26 10.76
C ALA A 211 -11.22 1.29 9.63
N THR A 212 -10.09 1.33 8.93
CA THR A 212 -9.93 2.20 7.76
C THR A 212 -10.12 1.36 6.52
N ILE A 213 -11.04 1.77 5.64
CA ILE A 213 -11.34 0.99 4.44
C ILE A 213 -11.32 1.80 3.14
N PHE A 214 -12.20 2.81 3.05
CA PHE A 214 -12.40 3.50 1.78
C PHE A 214 -11.17 4.30 1.37
N GLY A 215 -10.56 4.99 2.33
CA GLY A 215 -9.27 5.61 2.09
C GLY A 215 -8.27 4.64 1.48
N PRO A 216 -7.95 3.55 2.20
CA PRO A 216 -7.07 2.50 1.68
C PRO A 216 -7.45 1.95 0.30
N ALA A 217 -8.73 1.73 0.02
CA ALA A 217 -9.09 1.12 -1.25
C ALA A 217 -8.67 2.03 -2.38
N VAL A 218 -9.09 3.29 -2.30
CA VAL A 218 -8.74 4.26 -3.33
C VAL A 218 -7.23 4.35 -3.53
N ALA A 219 -6.47 4.51 -2.44
CA ALA A 219 -5.01 4.58 -2.54
C ALA A 219 -4.50 3.38 -3.30
N ILE A 220 -4.85 2.18 -2.84
CA ILE A 220 -4.52 0.96 -3.56
C ILE A 220 -4.92 1.03 -5.05
N TYR A 221 -6.14 1.46 -5.34
CA TYR A 221 -6.55 1.63 -6.72
C TYR A 221 -5.61 2.55 -7.49
N ARG A 222 -5.30 3.72 -6.95
CA ARG A 222 -4.45 4.67 -7.65
C ARG A 222 -3.11 4.04 -8.02
N MET A 223 -2.55 3.25 -7.12
CA MET A 223 -1.32 2.53 -7.45
C MET A 223 -1.53 1.49 -8.56
N VAL A 224 -2.55 0.64 -8.43
CA VAL A 224 -2.82 -0.39 -9.42
C VAL A 224 -3.09 0.22 -10.80
N LYS A 225 -3.86 1.31 -10.83
CA LYS A 225 -4.14 2.04 -12.05
C LYS A 225 -2.84 2.40 -12.75
N ALA A 226 -1.96 3.08 -12.01
CA ALA A 226 -0.67 3.48 -12.56
C ALA A 226 0.13 2.33 -13.17
N VAL A 227 -0.03 1.12 -12.66
CA VAL A 227 0.73 -0.02 -13.20
C VAL A 227 0.02 -0.69 -14.37
N VAL A 228 -1.25 -1.00 -14.19
CA VAL A 228 -1.97 -1.72 -15.23
C VAL A 228 -2.16 -0.86 -16.46
N GLU A 229 -2.12 0.45 -16.27
CA GLU A 229 -2.33 1.38 -17.37
C GLU A 229 -1.05 2.10 -17.78
N ASP A 230 0.08 1.64 -17.27
CA ASP A 230 1.38 2.27 -17.55
C ASP A 230 1.34 3.80 -17.59
N THR A 231 0.81 4.43 -16.55
CA THR A 231 0.66 5.88 -16.55
C THR A 231 1.97 6.64 -16.33
N GLY A 232 2.93 5.98 -15.70
CA GLY A 232 4.21 6.60 -15.41
C GLY A 232 4.15 7.61 -14.28
N GLU A 233 3.02 7.66 -13.57
CA GLU A 233 2.79 8.63 -12.49
C GLU A 233 3.80 8.50 -11.36
N ILE A 234 3.92 9.58 -10.60
CA ILE A 234 4.77 9.59 -9.42
C ILE A 234 3.97 9.64 -8.12
N ILE A 235 4.14 8.58 -7.32
CA ILE A 235 3.33 8.36 -6.13
C ILE A 235 4.20 7.94 -4.97
N PRO A 236 4.07 8.61 -3.82
CA PRO A 236 4.81 8.15 -2.64
C PRO A 236 4.53 6.66 -2.41
N THR A 237 5.58 5.85 -2.55
CA THR A 237 5.49 4.40 -2.46
C THR A 237 6.54 3.85 -1.50
N SER A 238 6.22 2.78 -0.78
CA SER A 238 7.21 2.15 0.09
C SER A 238 8.11 1.22 -0.70
N MET A 239 9.39 1.54 -0.70
CA MET A 239 10.33 0.88 -1.59
C MET A 239 11.65 0.50 -0.98
N ILE A 240 12.20 -0.60 -1.46
CA ILE A 240 13.49 -1.05 -0.97
C ILE A 240 14.56 -0.14 -1.53
N LEU A 241 15.28 0.55 -0.64
CA LEU A 241 16.33 1.45 -1.06
C LEU A 241 17.68 0.75 -1.00
N GLN A 242 18.50 0.98 -2.01
CA GLN A 242 19.82 0.38 -2.06
C GLN A 242 20.82 1.46 -2.33
N GLY A 243 20.80 2.52 -1.52
CA GLY A 243 21.76 3.59 -1.67
C GLY A 243 21.14 4.98 -1.68
N GLU A 244 19.98 5.11 -2.32
CA GLU A 244 19.32 6.40 -2.46
C GLU A 244 19.19 7.15 -1.13
N TYR A 245 19.61 8.42 -1.13
CA TYR A 245 19.54 9.30 0.05
C TYR A 245 20.43 8.87 1.21
N GLY A 246 21.37 7.97 0.94
CA GLY A 246 22.27 7.47 1.96
C GLY A 246 21.65 6.41 2.84
N ILE A 247 20.62 5.75 2.30
CA ILE A 247 19.85 4.74 3.02
C ILE A 247 19.98 3.41 2.30
N GLU A 248 20.13 2.32 3.04
CA GLU A 248 20.11 1.02 2.37
C GLU A 248 19.65 -0.14 3.22
N ASN A 249 19.27 -1.21 2.55
CA ASN A 249 18.76 -2.41 3.18
C ASN A 249 17.47 -2.24 4.00
N VAL A 250 16.51 -1.50 3.48
CA VAL A 250 15.27 -1.20 4.19
C VAL A 250 14.20 -0.69 3.23
N ALA A 251 12.93 -0.92 3.54
CA ALA A 251 11.88 -0.29 2.76
C ALA A 251 11.40 0.95 3.47
N VAL A 252 11.17 2.01 2.70
CA VAL A 252 10.60 3.24 3.24
C VAL A 252 9.96 4.07 2.11
N GLY A 253 9.09 4.99 2.49
CA GLY A 253 8.27 5.69 1.53
C GLY A 253 8.96 6.84 0.84
N VAL A 254 9.12 6.72 -0.46
CA VAL A 254 9.82 7.75 -1.22
C VAL A 254 9.09 7.98 -2.54
N PRO A 255 9.18 9.19 -3.12
CA PRO A 255 8.46 9.37 -4.39
C PRO A 255 8.92 8.34 -5.40
N ALA A 256 7.98 7.63 -6.02
CA ALA A 256 8.29 6.58 -6.98
C ALA A 256 7.53 6.76 -8.30
N LYS A 257 8.04 6.13 -9.36
CA LYS A 257 7.42 6.15 -10.67
C LYS A 257 6.79 4.80 -10.94
N LEU A 258 5.48 4.79 -11.10
CA LEU A 258 4.77 3.54 -11.35
C LEU A 258 4.45 3.43 -12.83
N GLY A 259 4.53 2.21 -13.34
CA GLY A 259 4.29 1.95 -14.75
C GLY A 259 4.26 0.45 -14.95
N LYS A 260 4.27 0.00 -16.20
CA LYS A 260 4.11 -1.42 -16.50
C LYS A 260 5.24 -2.23 -15.87
N ASN A 261 6.35 -1.56 -15.61
CA ASN A 261 7.48 -2.24 -15.06
C ASN A 261 7.50 -2.23 -13.53
N GLY A 262 6.41 -1.74 -12.94
CA GLY A 262 6.34 -1.66 -11.50
C GLY A 262 6.76 -0.30 -10.99
N ALA A 263 7.68 -0.28 -10.03
CA ALA A 263 8.06 0.97 -9.39
C ALA A 263 9.56 1.19 -9.46
N GLU A 264 9.94 2.46 -9.51
CA GLU A 264 11.34 2.88 -9.59
C GLU A 264 11.46 4.18 -8.86
N VAL A 265 12.48 4.29 -8.02
CA VAL A 265 12.66 5.52 -7.27
C VAL A 265 12.73 6.72 -8.20
N ALA A 266 11.69 7.55 -8.17
CA ALA A 266 11.70 8.80 -8.91
C ALA A 266 12.78 9.63 -8.26
N ASP A 267 13.74 10.06 -9.05
CA ASP A 267 14.80 10.86 -8.49
C ASP A 267 14.30 12.28 -8.36
N ILE A 268 14.09 12.67 -7.10
CA ILE A 268 13.61 14.00 -6.78
C ILE A 268 14.40 14.52 -5.60
N LYS A 269 14.95 15.72 -5.75
CA LYS A 269 15.71 16.33 -4.68
C LYS A 269 14.79 16.80 -3.56
N LEU A 270 15.22 16.58 -2.33
CA LEU A 270 14.48 16.97 -1.16
C LEU A 270 15.31 17.91 -0.28
N SER A 271 14.63 18.79 0.44
CA SER A 271 15.24 19.62 1.49
C SER A 271 16.34 18.88 2.22
N ASP A 272 17.28 19.64 2.77
CA ASP A 272 18.32 19.02 3.57
C ASP A 272 17.71 18.44 4.83
N GLU A 273 16.76 19.14 5.42
CA GLU A 273 16.11 18.61 6.60
C GLU A 273 15.26 17.42 6.20
N GLU A 274 14.79 17.41 4.97
CA GLU A 274 13.94 16.32 4.52
C GLU A 274 14.68 14.99 4.43
N ILE A 275 15.97 15.06 4.12
CA ILE A 275 16.77 13.85 4.03
C ILE A 275 16.97 13.22 5.40
N GLU A 276 17.15 14.07 6.42
CA GLU A 276 17.37 13.56 7.76
C GLU A 276 16.12 12.85 8.22
N LYS A 277 14.98 13.47 8.01
CA LYS A 277 13.71 12.90 8.43
C LYS A 277 13.51 11.52 7.80
N LEU A 278 14.01 11.38 6.58
CA LEU A 278 13.90 10.13 5.87
C LEU A 278 14.87 9.12 6.47
N ARG A 279 16.11 9.55 6.66
CA ARG A 279 17.15 8.73 7.31
C ARG A 279 16.74 8.29 8.72
N ASN A 280 16.13 9.18 9.48
CA ASN A 280 15.58 8.77 10.77
C ASN A 280 14.59 7.63 10.62
N SER A 281 13.65 7.80 9.70
CA SER A 281 12.61 6.79 9.50
C SER A 281 13.23 5.46 9.12
N ALA A 282 14.25 5.50 8.26
CA ALA A 282 14.96 4.28 7.89
C ALA A 282 15.56 3.59 9.12
N LYS A 283 16.14 4.38 10.01
CA LYS A 283 16.75 3.84 11.22
C LYS A 283 15.70 3.13 12.06
N ILE A 284 14.60 3.82 12.35
CA ILE A 284 13.49 3.23 13.11
C ILE A 284 12.99 1.92 12.47
N LEU A 285 12.77 1.96 11.16
CA LEU A 285 12.33 0.78 10.44
C LEU A 285 13.42 -0.29 10.49
N ARG A 286 14.68 0.12 10.36
CA ARG A 286 15.77 -0.84 10.42
C ARG A 286 15.82 -1.53 11.79
N GLU A 287 15.58 -0.77 12.86
CA GLU A 287 15.48 -1.35 14.20
C GLU A 287 14.43 -2.45 14.19
N ARG A 288 13.21 -2.08 13.80
CA ARG A 288 12.06 -2.96 13.86
C ARG A 288 12.23 -4.25 13.07
N LEU A 289 13.06 -4.20 12.03
CA LEU A 289 13.34 -5.38 11.21
C LEU A 289 14.33 -6.32 11.91
N GLU A 290 15.37 -5.75 12.50
CA GLU A 290 16.34 -6.54 13.25
C GLU A 290 15.66 -7.21 14.42
N GLU A 291 14.67 -6.54 14.97
CA GLU A 291 13.84 -7.11 16.02
C GLU A 291 13.23 -8.43 15.52
N LEU A 292 13.07 -8.56 14.21
CA LEU A 292 12.38 -9.72 13.62
C LEU A 292 13.30 -10.76 13.02
N GLY A 293 14.60 -10.48 13.01
CA GLY A 293 15.56 -11.42 12.49
C GLY A 293 15.85 -11.13 11.04
N TYR A 294 15.55 -9.91 10.61
CA TYR A 294 15.83 -9.48 9.24
C TYR A 294 16.73 -8.25 9.26
PA NAI B . -9.55 -8.17 7.65
O1A NAI B . -10.54 -6.99 7.34
O2A NAI B . -9.13 -8.38 9.13
O5B NAI B . -8.68 -8.82 6.51
C5B NAI B . -7.77 -9.83 6.78
C4B NAI B . -7.92 -11.08 5.94
O4B NAI B . -6.71 -11.80 5.78
C3B NAI B . -8.90 -12.01 6.56
O3B NAI B . -10.01 -12.16 5.74
C2B NAI B . -8.16 -13.26 6.78
O2B NAI B . -8.93 -14.38 6.55
C1B NAI B . -7.01 -13.16 5.84
N9A NAI B . -5.87 -13.99 6.24
C8A NAI B . -5.38 -14.12 7.48
N7A NAI B . -4.31 -14.95 7.43
C5A NAI B . -4.13 -15.33 6.15
C6A NAI B . -3.22 -16.18 5.48
N6A NAI B . -2.16 -16.84 6.20
N1A NAI B . -3.33 -16.37 4.16
C2A NAI B . -4.31 -15.74 3.48
N3A NAI B . -5.20 -14.94 4.07
C4A NAI B . -5.13 -14.72 5.40
O3 NAI B . -8.37 -7.10 7.55
PN NAI B . -8.39 -5.61 6.99
O1N NAI B . -9.25 -4.66 7.79
O2N NAI B . -8.88 -5.60 5.56
O5D NAI B . -6.91 -5.09 7.04
C5D NAI B . -5.88 -5.87 6.46
C4D NAI B . -4.45 -5.51 6.79
O4D NAI B . -4.10 -4.44 6.02
C3D NAI B . -4.23 -5.10 8.23
O3D NAI B . -2.96 -5.39 8.63
C2D NAI B . -4.43 -3.64 8.20
O2D NAI B . -3.81 -2.93 9.20
C1D NAI B . -3.79 -3.31 6.92
N1N NAI B . -4.08 -1.90 6.44
C2N NAI B . -3.10 -1.24 5.82
C3N NAI B . -3.28 0.07 5.37
C7N NAI B . -2.16 0.77 4.68
O7N NAI B . -2.30 1.95 4.43
N7N NAI B . -0.91 0.10 4.43
C4N NAI B . -4.51 0.68 5.56
C5N NAI B . -5.52 -0.04 6.21
C6N NAI B . -5.28 -1.36 6.65
S SO4 C . -3.81 3.01 8.26
O1 SO4 C . -4.97 3.52 7.55
O2 SO4 C . -4.17 1.87 9.10
O3 SO4 C . -2.80 2.59 7.29
O4 SO4 C . -3.29 4.11 9.08
NA NA D . 7.91 2.22 -14.76
#